data_8RCW
#
_entry.id   8RCW
#
_cell.length_a   115.332
_cell.length_b   115.332
_cell.length_c   70.987
_cell.angle_alpha   90.000
_cell.angle_beta   90.000
_cell.angle_gamma   120.000
#
_symmetry.space_group_name_H-M   'P 61'
#
loop_
_entity.id
_entity.type
_entity.pdbx_description
1 polymer 'HTH-type transcriptional regulator VirS'
2 non-polymer 4,4,4-tris(fluoranyl)-1-[4-(4-fluorophenyl)piperidin-1-yl]butan-1-one
3 water water
#
_entity_poly.entity_id   1
_entity_poly.type   'polypeptide(L)'
_entity_poly.pdbx_seq_one_letter_code
;ELGSLIRATNLWGYTDLMRELGADPLPFLRRFDIPPGIEHQEDAFMSLAGFVRMLEASAAELDCPDFGLRLARWQGLGIL
GPVAVIARNAATLFGGLEAIGRYLYVHSPALTLTVSSTTARSNVRFGYEVTEPGIPYPLQGYELSMANAARMIRLLGGPQ
ARARVFSFRHAQLGTDAAYREALGCTVRFGRTWCGFEVDHRLAGRPIDHADPETKRIATKYLESQYLPS
;
_entity_poly.pdbx_strand_id   A,B
#
# COMPACT_ATOMS: atom_id res chain seq x y z
N GLY A 3 6.47 -18.54 13.48
CA GLY A 3 6.47 -17.13 13.04
C GLY A 3 7.72 -16.40 13.51
N SER A 4 8.19 -15.38 12.75
CA SER A 4 9.45 -14.71 13.04
C SER A 4 9.42 -13.88 14.33
N LEU A 5 10.58 -13.88 15.01
CA LEU A 5 10.80 -12.98 16.12
C LEU A 5 11.47 -11.71 15.62
N ILE A 6 11.33 -10.65 16.45
CA ILE A 6 12.14 -9.45 16.31
C ILE A 6 12.72 -9.07 17.67
N ARG A 7 13.90 -8.45 17.69
CA ARG A 7 14.52 -8.02 18.93
C ARG A 7 13.55 -7.08 19.63
N ALA A 8 13.39 -7.29 20.93
CA ALA A 8 12.38 -6.58 21.72
C ALA A 8 12.80 -5.15 22.03
N THR A 9 14.01 -4.75 21.65
CA THR A 9 14.41 -3.34 21.64
C THR A 9 13.53 -2.50 20.75
N ASN A 10 12.85 -3.16 19.79
CA ASN A 10 11.96 -2.47 18.88
C ASN A 10 10.71 -2.01 19.60
N LEU A 11 10.54 -2.44 20.86
CA LEU A 11 9.44 -1.97 21.70
C LEU A 11 9.84 -0.79 22.57
N TRP A 12 11.14 -0.39 22.55
CA TRP A 12 11.55 0.68 23.46
C TRP A 12 10.63 1.88 23.28
N GLY A 13 10.15 2.42 24.42
CA GLY A 13 9.30 3.60 24.40
C GLY A 13 7.81 3.33 24.41
N TYR A 14 7.41 2.07 24.20
CA TYR A 14 6.00 1.82 23.99
C TYR A 14 5.22 2.20 25.27
N THR A 15 5.75 1.85 26.45
CA THR A 15 5.08 2.17 27.72
C THR A 15 4.97 3.70 27.90
N ASP A 16 6.09 4.38 27.67
CA ASP A 16 6.18 5.82 27.77
C ASP A 16 5.26 6.52 26.78
N LEU A 17 5.21 6.06 25.51
CA LEU A 17 4.37 6.74 24.54
C LEU A 17 2.90 6.52 24.89
N MET A 18 2.59 5.29 25.32
CA MET A 18 1.20 4.98 25.59
C MET A 18 0.74 5.85 26.76
N ARG A 19 1.63 6.10 27.74
CA ARG A 19 1.31 6.96 28.87
C ARG A 19 1.13 8.40 28.39
N GLU A 20 2.01 8.86 27.50
CA GLU A 20 1.92 10.18 26.90
C GLU A 20 0.53 10.36 26.27
N LEU A 21 -0.02 9.31 25.65
CA LEU A 21 -1.31 9.39 24.99
C LEU A 21 -2.48 9.12 25.95
N GLY A 22 -2.20 8.91 27.24
CA GLY A 22 -3.25 8.71 28.23
C GLY A 22 -3.84 7.30 28.17
N ALA A 23 -3.05 6.32 27.71
CA ALA A 23 -3.57 4.98 27.53
C ALA A 23 -2.78 3.99 28.37
N ASP A 24 -3.45 2.93 28.81
CA ASP A 24 -2.80 1.89 29.59
C ASP A 24 -2.21 0.89 28.61
N PRO A 25 -0.88 0.67 28.57
CA PRO A 25 -0.29 -0.26 27.59
C PRO A 25 -0.54 -1.73 27.91
N LEU A 26 -0.84 -2.04 29.18
CA LEU A 26 -0.83 -3.44 29.60
C LEU A 26 -1.90 -4.25 28.85
N PRO A 27 -3.16 -3.79 28.69
CA PRO A 27 -4.15 -4.54 27.90
C PRO A 27 -3.73 -4.80 26.45
N PHE A 28 -2.93 -3.89 25.88
CA PHE A 28 -2.45 -4.07 24.51
C PHE A 28 -1.41 -5.20 24.44
N LEU A 29 -0.45 -5.18 25.35
CA LEU A 29 0.58 -6.19 25.40
C LEU A 29 -0.03 -7.58 25.56
N ARG A 30 -1.05 -7.71 26.40
CA ARG A 30 -1.63 -9.03 26.64
C ARG A 30 -2.43 -9.45 25.41
N ARG A 31 -3.19 -8.53 24.80
CA ARG A 31 -3.91 -8.83 23.57
C ARG A 31 -3.01 -9.39 22.47
N PHE A 32 -1.79 -8.85 22.32
CA PHE A 32 -0.93 -9.24 21.20
C PHE A 32 0.18 -10.20 21.64
N ASP A 33 0.02 -10.78 22.84
CA ASP A 33 0.88 -11.89 23.29
C ASP A 33 2.33 -11.40 23.39
N ILE A 34 2.48 -10.16 23.89
CA ILE A 34 3.79 -9.61 24.13
C ILE A 34 3.98 -9.60 25.65
N PRO A 35 4.96 -10.32 26.21
CA PRO A 35 5.19 -10.29 27.67
C PRO A 35 5.43 -8.90 28.22
N PRO A 36 4.69 -8.42 29.26
CA PRO A 36 4.82 -7.01 29.71
C PRO A 36 6.20 -6.49 30.10
N GLY A 37 7.11 -7.31 30.60
CA GLY A 37 8.40 -6.67 30.93
C GLY A 37 9.43 -6.61 29.78
N ILE A 38 9.08 -7.13 28.59
CA ILE A 38 10.12 -7.53 27.64
C ILE A 38 10.87 -6.31 27.09
N GLU A 39 10.22 -5.14 27.09
CA GLU A 39 10.77 -3.88 26.66
C GLU A 39 12.19 -3.65 27.21
N HIS A 40 12.39 -4.02 28.47
CA HIS A 40 13.58 -3.71 29.26
C HIS A 40 14.44 -4.95 29.50
N GLN A 41 14.20 -6.05 28.80
CA GLN A 41 15.00 -7.25 28.97
C GLN A 41 15.95 -7.38 27.81
N GLU A 42 17.22 -7.08 28.04
CA GLU A 42 18.20 -7.09 26.97
C GLU A 42 18.27 -8.49 26.36
N ASP A 43 18.49 -8.54 25.06
CA ASP A 43 18.65 -9.74 24.27
C ASP A 43 17.35 -10.54 24.17
N ALA A 44 16.23 -9.97 24.65
CA ALA A 44 14.95 -10.64 24.47
C ALA A 44 14.41 -10.39 23.06
N PHE A 45 13.56 -11.30 22.61
CA PHE A 45 12.88 -11.23 21.31
C PHE A 45 11.39 -11.42 21.48
N MET A 46 10.62 -10.81 20.57
CA MET A 46 9.17 -10.81 20.64
C MET A 46 8.61 -11.23 19.27
N SER A 47 7.32 -11.60 19.24
CA SER A 47 6.64 -11.96 18.00
C SER A 47 6.59 -10.74 17.08
N LEU A 48 7.09 -10.87 15.86
CA LEU A 48 7.02 -9.76 14.91
C LEU A 48 5.55 -9.51 14.51
N ALA A 49 4.80 -10.60 14.22
CA ALA A 49 3.38 -10.47 13.89
C ALA A 49 2.65 -9.78 15.03
N GLY A 50 2.88 -10.21 16.28
CA GLY A 50 2.19 -9.55 17.39
C GLY A 50 2.52 -8.06 17.49
N PHE A 51 3.80 -7.76 17.31
CA PHE A 51 4.27 -6.40 17.45
C PHE A 51 3.62 -5.52 16.37
N VAL A 52 3.65 -5.96 15.11
CA VAL A 52 3.12 -5.09 14.06
C VAL A 52 1.61 -4.92 14.22
N ARG A 53 0.89 -5.97 14.65
CA ARG A 53 -0.54 -5.82 14.88
C ARG A 53 -0.82 -4.89 16.06
N MET A 54 0.03 -4.93 17.10
CA MET A 54 -0.15 -4.04 18.24
C MET A 54 0.05 -2.58 17.83
N LEU A 55 1.04 -2.32 16.96
CA LEU A 55 1.26 -0.96 16.51
C LEU A 55 0.01 -0.45 15.81
N GLU A 56 -0.57 -1.28 14.95
CA GLU A 56 -1.75 -0.88 14.17
C GLU A 56 -2.93 -0.61 15.11
N ALA A 57 -3.09 -1.45 16.12
CA ALA A 57 -4.21 -1.29 17.04
C ALA A 57 -4.02 -0.04 17.90
N SER A 58 -2.77 0.24 18.34
CA SER A 58 -2.48 1.41 19.14
C SER A 58 -2.77 2.67 18.33
N ALA A 59 -2.33 2.69 17.06
CA ALA A 59 -2.57 3.84 16.20
C ALA A 59 -4.07 4.07 15.99
N ALA A 60 -4.79 3.00 15.71
CA ALA A 60 -6.19 3.06 15.35
C ALA A 60 -7.04 3.42 16.57
N GLU A 61 -6.86 2.70 17.68
CA GLU A 61 -7.78 2.81 18.80
C GLU A 61 -7.51 4.13 19.53
N LEU A 62 -6.28 4.63 19.47
CA LEU A 62 -5.96 5.86 20.17
C LEU A 62 -6.00 7.09 19.26
N ASP A 63 -6.42 6.94 17.99
CA ASP A 63 -6.44 8.05 17.04
C ASP A 63 -5.07 8.72 17.00
N CYS A 64 -4.05 7.89 16.80
CA CYS A 64 -2.69 8.39 16.77
C CYS A 64 -2.07 7.91 15.47
N PRO A 65 -2.32 8.60 14.34
CA PRO A 65 -1.89 8.11 13.03
C PRO A 65 -0.36 8.05 12.85
N ASP A 66 0.37 8.81 13.65
CA ASP A 66 1.82 8.92 13.58
C ASP A 66 2.47 8.19 14.76
N PHE A 67 1.78 7.14 15.29
CA PHE A 67 2.27 6.38 16.41
C PHE A 67 3.66 5.85 16.13
N GLY A 68 3.86 5.21 14.97
CA GLY A 68 5.14 4.65 14.62
C GLY A 68 6.25 5.69 14.52
N LEU A 69 5.93 6.84 13.91
CA LEU A 69 6.93 7.90 13.80
C LEU A 69 7.35 8.41 15.17
N ARG A 70 6.38 8.54 16.08
CA ARG A 70 6.64 9.07 17.42
C ARG A 70 7.44 8.10 18.24
N LEU A 71 7.18 6.81 18.09
CA LEU A 71 7.85 5.81 18.87
C LEU A 71 9.36 5.79 18.56
N ALA A 72 9.74 6.21 17.34
CA ALA A 72 11.15 6.20 17.00
C ALA A 72 11.99 7.12 17.88
N ARG A 73 11.36 8.11 18.55
CA ARG A 73 12.05 9.02 19.44
C ARG A 73 12.75 8.31 20.61
N TRP A 74 12.27 7.12 21.00
CA TRP A 74 12.87 6.34 22.06
C TRP A 74 13.82 5.26 21.56
N GLN A 75 14.10 5.25 20.24
CA GLN A 75 14.75 4.09 19.65
C GLN A 75 16.09 4.50 18.99
N GLY A 76 16.15 4.56 17.66
CA GLY A 76 17.40 4.90 17.00
C GLY A 76 18.32 3.68 16.87
N LEU A 77 19.60 3.93 16.60
CA LEU A 77 20.56 2.90 16.21
C LEU A 77 20.73 1.85 17.32
N GLY A 78 20.62 2.28 18.58
CA GLY A 78 20.82 1.38 19.73
C GLY A 78 19.90 0.15 19.74
N ILE A 79 18.74 0.24 19.09
CA ILE A 79 17.86 -0.91 19.05
C ILE A 79 18.45 -2.07 18.27
N LEU A 80 19.44 -1.80 17.40
CA LEU A 80 20.05 -2.90 16.65
C LEU A 80 21.02 -3.75 17.45
N GLY A 81 21.32 -3.33 18.69
CA GLY A 81 22.10 -4.14 19.63
C GLY A 81 23.42 -4.61 18.99
N PRO A 82 23.70 -5.92 18.79
CA PRO A 82 24.98 -6.30 18.22
C PRO A 82 25.25 -5.73 16.83
N VAL A 83 24.20 -5.58 16.04
CA VAL A 83 24.36 -5.08 14.68
C VAL A 83 24.80 -3.61 14.71
N ALA A 84 24.38 -2.85 15.75
CA ALA A 84 24.82 -1.47 15.90
C ALA A 84 26.31 -1.41 16.15
N VAL A 85 26.86 -2.34 16.95
CA VAL A 85 28.29 -2.38 17.21
C VAL A 85 29.04 -2.57 15.90
N ILE A 86 28.59 -3.47 15.03
CA ILE A 86 29.23 -3.70 13.73
C ILE A 86 29.08 -2.44 12.87
N ALA A 87 27.90 -1.82 12.86
CA ALA A 87 27.70 -0.67 11.98
C ALA A 87 28.64 0.47 12.38
N ARG A 88 28.78 0.71 13.68
CA ARG A 88 29.58 1.84 14.16
C ARG A 88 31.07 1.67 13.86
N ASN A 89 31.52 0.45 13.64
CA ASN A 89 32.92 0.18 13.34
C ASN A 89 33.22 0.16 11.85
N ALA A 90 32.23 0.44 10.96
CA ALA A 90 32.55 0.52 9.54
C ALA A 90 33.32 1.80 9.21
N ALA A 91 33.94 1.86 8.03
CA ALA A 91 34.73 3.01 7.59
C ALA A 91 33.86 4.23 7.20
N THR A 92 32.73 4.00 6.54
CA THR A 92 31.94 5.06 5.95
C THR A 92 30.46 4.81 6.24
N LEU A 93 29.64 5.84 6.07
CA LEU A 93 28.23 5.71 6.31
C LEU A 93 27.66 4.59 5.46
N PHE A 94 28.04 4.53 4.18
CA PHE A 94 27.63 3.40 3.36
C PHE A 94 27.97 2.06 4.01
N GLY A 95 29.22 1.88 4.44
CA GLY A 95 29.67 0.65 5.07
C GLY A 95 28.83 0.27 6.30
N GLY A 96 28.43 1.29 7.06
CA GLY A 96 27.60 1.11 8.24
C GLY A 96 26.21 0.59 7.89
N LEU A 97 25.58 1.25 6.93
CA LEU A 97 24.23 0.88 6.51
C LEU A 97 24.25 -0.45 5.79
N GLU A 98 25.30 -0.72 4.98
CA GLU A 98 25.34 -1.97 4.27
C GLU A 98 25.58 -3.13 5.25
N ALA A 99 26.34 -2.92 6.32
CA ALA A 99 26.50 -3.93 7.32
C ALA A 99 25.16 -4.20 8.02
N ILE A 100 24.41 -3.14 8.33
CA ILE A 100 23.09 -3.34 8.86
C ILE A 100 22.30 -4.23 7.90
N GLY A 101 22.33 -3.92 6.61
CA GLY A 101 21.64 -4.73 5.65
C GLY A 101 22.09 -6.19 5.63
N ARG A 102 23.40 -6.41 5.65
CA ARG A 102 23.92 -7.75 5.60
C ARG A 102 23.43 -8.58 6.79
N TYR A 103 23.36 -7.97 7.99
CA TYR A 103 23.07 -8.71 9.21
C TYR A 103 21.68 -8.38 9.75
N LEU A 104 20.77 -7.87 8.91
CA LEU A 104 19.49 -7.44 9.45
C LEU A 104 18.65 -8.63 9.96
N TYR A 105 18.97 -9.82 9.47
CA TYR A 105 18.30 -11.04 9.91
C TYR A 105 18.54 -11.32 11.40
N VAL A 106 19.60 -10.74 11.95
CA VAL A 106 19.91 -10.85 13.36
C VAL A 106 18.90 -10.05 14.20
N HIS A 107 18.38 -8.97 13.61
CA HIS A 107 17.34 -8.19 14.23
C HIS A 107 16.00 -8.91 14.11
N SER A 108 15.65 -9.36 12.91
CA SER A 108 14.46 -10.16 12.62
C SER A 108 14.64 -10.80 11.24
N PRO A 109 14.46 -12.12 11.10
CA PRO A 109 14.53 -12.77 9.80
C PRO A 109 13.48 -12.27 8.81
N ALA A 110 12.48 -11.51 9.28
CA ALA A 110 11.40 -11.05 8.40
C ALA A 110 11.77 -9.74 7.69
N LEU A 111 12.94 -9.14 7.97
CA LEU A 111 13.28 -7.84 7.42
C LEU A 111 14.35 -8.02 6.37
N THR A 112 14.15 -7.37 5.21
CA THR A 112 15.13 -7.43 4.14
C THR A 112 15.45 -6.00 3.71
N LEU A 113 16.74 -5.68 3.66
CA LEU A 113 17.25 -4.45 3.12
C LEU A 113 18.06 -4.77 1.86
N THR A 114 17.71 -4.04 0.80
CA THR A 114 18.42 -4.15 -0.48
C THR A 114 19.13 -2.82 -0.70
N VAL A 115 20.45 -2.85 -0.86
CA VAL A 115 21.28 -1.67 -1.02
C VAL A 115 21.77 -1.73 -2.45
N SER A 116 21.44 -0.71 -3.25
CA SER A 116 21.82 -0.75 -4.63
C SER A 116 22.14 0.64 -5.16
N SER A 117 22.99 0.60 -6.16
CA SER A 117 23.20 1.79 -6.95
C SER A 117 23.34 1.36 -8.41
N THR A 118 23.01 2.30 -9.30
CA THR A 118 23.00 1.98 -10.71
C THR A 118 23.50 3.20 -11.50
N THR A 119 24.18 2.91 -12.60
CA THR A 119 24.63 3.94 -13.50
C THR A 119 23.44 4.79 -13.99
N ALA A 120 22.25 4.20 -14.11
CA ALA A 120 21.09 4.81 -14.75
C ALA A 120 20.32 5.78 -13.84
N ARG A 121 20.66 5.90 -12.56
CA ARG A 121 19.85 6.64 -11.60
C ARG A 121 20.75 7.30 -10.57
N SER A 122 20.36 8.46 -9.98
CA SER A 122 21.05 9.04 -8.84
C SER A 122 20.94 8.18 -7.57
N ASN A 123 21.96 8.29 -6.72
CA ASN A 123 21.95 7.93 -5.31
C ASN A 123 22.18 6.44 -5.07
N VAL A 124 22.46 6.11 -3.81
CA VAL A 124 22.40 4.75 -3.28
C VAL A 124 21.02 4.55 -2.70
N ARG A 125 20.33 3.48 -3.14
CA ARG A 125 19.00 3.23 -2.65
C ARG A 125 19.03 2.14 -1.58
N PHE A 126 18.32 2.40 -0.50
CA PHE A 126 18.14 1.47 0.59
C PHE A 126 16.67 1.04 0.59
N GLY A 127 16.40 -0.10 -0.03
CA GLY A 127 15.06 -0.60 -0.21
C GLY A 127 14.73 -1.61 0.90
N TYR A 128 13.59 -1.41 1.56
CA TYR A 128 13.26 -2.14 2.78
C TYR A 128 11.92 -2.84 2.66
N GLU A 129 11.87 -4.09 3.15
CA GLU A 129 10.68 -4.90 3.08
C GLU A 129 10.50 -5.66 4.39
N VAL A 130 9.25 -5.71 4.87
CA VAL A 130 8.87 -6.60 5.95
C VAL A 130 8.09 -7.74 5.30
N THR A 131 8.58 -8.96 5.44
CA THR A 131 7.86 -10.08 4.86
C THR A 131 7.61 -11.10 5.95
N GLU A 132 6.35 -11.27 6.33
CA GLU A 132 6.00 -12.22 7.37
C GLU A 132 4.67 -12.80 6.91
N PRO A 133 4.51 -14.15 6.90
CA PRO A 133 3.26 -14.77 6.44
C PRO A 133 2.14 -14.30 7.36
N GLY A 134 1.04 -13.85 6.76
CA GLY A 134 -0.20 -13.67 7.50
C GLY A 134 -0.34 -12.34 8.22
N ILE A 135 0.61 -11.42 8.14
CA ILE A 135 0.38 -10.15 8.80
C ILE A 135 -0.41 -9.21 7.88
N PRO A 136 -1.15 -8.24 8.44
CA PRO A 136 -1.65 -7.13 7.65
C PRO A 136 -0.45 -6.29 7.20
N TYR A 137 -0.63 -5.50 6.15
CA TYR A 137 0.38 -4.53 5.75
C TYR A 137 0.84 -3.71 6.95
N PRO A 138 2.14 -3.76 7.32
CA PRO A 138 2.56 -3.14 8.57
C PRO A 138 2.88 -1.67 8.40
N LEU A 139 1.82 -0.87 8.30
CA LEU A 139 2.00 0.52 7.98
C LEU A 139 2.80 1.23 9.05
N GLN A 140 2.35 1.08 10.29
CA GLN A 140 3.01 1.75 11.40
C GLN A 140 4.43 1.23 11.52
N GLY A 141 4.59 -0.07 11.30
CA GLY A 141 5.88 -0.73 11.30
C GLY A 141 6.86 -0.11 10.29
N TYR A 142 6.37 0.12 9.07
CA TYR A 142 7.19 0.79 8.07
C TYR A 142 7.57 2.21 8.45
N GLU A 143 6.64 2.98 9.04
CA GLU A 143 6.94 4.34 9.44
C GLU A 143 7.93 4.37 10.60
N LEU A 144 7.74 3.50 11.61
CA LEU A 144 8.72 3.36 12.66
C LEU A 144 10.09 2.99 12.07
N SER A 145 10.13 2.09 11.09
CA SER A 145 11.39 1.66 10.50
C SER A 145 12.15 2.82 9.88
N MET A 146 11.42 3.62 9.13
CA MET A 146 12.03 4.73 8.40
C MET A 146 12.40 5.89 9.34
N ALA A 147 11.57 6.18 10.37
CA ALA A 147 11.97 7.16 11.36
C ALA A 147 13.23 6.74 12.12
N ASN A 148 13.35 5.44 12.42
CA ASN A 148 14.57 4.89 12.98
C ASN A 148 15.74 5.07 12.00
N ALA A 149 15.50 4.75 10.72
CA ALA A 149 16.57 4.88 9.75
C ALA A 149 17.10 6.31 9.70
N ALA A 150 16.20 7.28 9.73
CA ALA A 150 16.61 8.68 9.71
C ALA A 150 17.51 9.00 10.92
N ARG A 151 17.15 8.47 12.10
CA ARG A 151 17.99 8.65 13.28
C ARG A 151 19.34 7.99 13.11
N MET A 152 19.35 6.81 12.48
CA MET A 152 20.60 6.09 12.24
C MET A 152 21.51 6.85 11.26
N ILE A 153 20.92 7.47 10.23
CA ILE A 153 21.68 8.31 9.30
C ILE A 153 22.36 9.47 10.03
N ARG A 154 21.63 10.15 10.93
CA ARG A 154 22.19 11.24 11.69
C ARG A 154 23.29 10.76 12.65
N LEU A 155 23.12 9.60 13.29
CA LEU A 155 24.14 9.13 14.19
C LEU A 155 25.40 8.70 13.42
N LEU A 156 25.26 7.95 12.35
CA LEU A 156 26.43 7.44 11.63
C LEU A 156 27.03 8.50 10.73
N GLY A 157 26.19 9.44 10.26
CA GLY A 157 26.59 10.39 9.23
C GLY A 157 26.83 11.81 9.74
N GLY A 158 26.60 12.08 11.02
CA GLY A 158 26.73 13.43 11.55
C GLY A 158 25.38 14.12 11.65
N PRO A 159 25.18 15.03 12.62
CA PRO A 159 23.83 15.51 12.93
C PRO A 159 23.12 16.28 11.80
N GLN A 160 23.87 16.73 10.78
CA GLN A 160 23.30 17.37 9.60
C GLN A 160 22.93 16.36 8.50
N ALA A 161 23.29 15.07 8.65
CA ALA A 161 23.10 14.09 7.57
C ALA A 161 21.61 13.80 7.35
N ARG A 162 21.18 13.83 6.10
CA ARG A 162 19.81 13.53 5.72
C ARG A 162 19.81 12.64 4.48
N ALA A 163 18.81 11.71 4.41
CA ALA A 163 18.47 11.07 3.16
C ALA A 163 18.07 12.13 2.14
N ARG A 164 18.19 11.80 0.86
CA ARG A 164 17.62 12.61 -0.21
C ARG A 164 16.12 12.45 -0.32
N VAL A 165 15.62 11.26 0.00
CA VAL A 165 14.19 10.97 -0.12
C VAL A 165 13.86 9.75 0.74
N PHE A 166 12.65 9.74 1.30
CA PHE A 166 12.03 8.54 1.86
C PHE A 166 10.84 8.19 0.99
N SER A 167 10.56 6.88 0.87
CA SER A 167 9.50 6.38 0.03
C SER A 167 8.69 5.37 0.85
N PHE A 168 7.36 5.47 0.72
CA PHE A 168 6.43 4.55 1.36
C PHE A 168 5.50 3.97 0.31
N ARG A 169 5.04 2.73 0.53
CA ARG A 169 4.11 2.05 -0.36
C ARG A 169 2.68 2.60 -0.18
N HIS A 170 2.37 3.09 1.02
CA HIS A 170 1.04 3.55 1.38
C HIS A 170 0.91 5.06 1.17
N ALA A 171 -0.36 5.48 1.16
CA ALA A 171 -0.72 6.89 1.11
C ALA A 171 -0.43 7.50 2.48
N GLN A 172 -0.21 8.81 2.47
CA GLN A 172 0.12 9.54 3.66
C GLN A 172 -1.01 9.38 4.68
N LEU A 173 -0.61 9.16 5.93
CA LEU A 173 -1.57 8.97 7.00
C LEU A 173 -1.51 10.15 7.95
N GLY A 174 -0.35 10.37 8.59
CA GLY A 174 -0.20 11.45 9.54
C GLY A 174 -0.07 12.82 8.85
N THR A 175 0.11 13.86 9.69
CA THR A 175 0.24 15.23 9.18
C THR A 175 1.58 15.45 8.48
N ASP A 176 1.59 16.42 7.57
CA ASP A 176 2.82 16.88 6.94
C ASP A 176 3.91 17.13 7.98
N ALA A 177 3.54 17.79 9.08
CA ALA A 177 4.52 18.13 10.11
C ALA A 177 5.15 16.89 10.74
N ALA A 178 4.34 15.87 11.01
CA ALA A 178 4.81 14.62 11.58
C ALA A 178 5.90 13.99 10.71
N TYR A 179 5.69 13.88 9.41
CA TYR A 179 6.70 13.26 8.56
C TYR A 179 7.93 14.15 8.43
N ARG A 180 7.73 15.48 8.37
CA ARG A 180 8.84 16.40 8.20
C ARG A 180 9.77 16.31 9.41
N GLU A 181 9.17 16.30 10.60
CA GLU A 181 9.93 16.22 11.83
C GLU A 181 10.72 14.91 11.91
N ALA A 182 10.10 13.79 11.53
CA ALA A 182 10.75 12.49 11.72
C ALA A 182 11.77 12.21 10.61
N LEU A 183 11.47 12.63 9.37
CA LEU A 183 12.25 12.21 8.22
C LEU A 183 13.11 13.35 7.66
N GLY A 184 12.56 14.58 7.61
CA GLY A 184 13.40 15.77 7.46
C GLY A 184 13.98 15.89 6.05
N CYS A 185 13.06 15.63 5.11
CA CYS A 185 13.36 15.61 3.69
C CYS A 185 12.06 15.25 2.97
N THR A 186 12.13 15.37 1.67
CA THR A 186 11.16 14.87 0.75
C THR A 186 10.71 13.47 1.14
N VAL A 187 9.40 13.32 1.20
CA VAL A 187 8.78 12.04 1.48
C VAL A 187 7.79 11.77 0.35
N ARG A 188 7.97 10.62 -0.30
CA ARG A 188 7.07 10.19 -1.35
C ARG A 188 6.15 9.07 -0.81
N PHE A 189 4.89 9.12 -1.25
CA PHE A 189 3.85 8.21 -0.80
C PHE A 189 3.24 7.48 -1.96
N GLY A 190 2.64 6.34 -1.62
CA GLY A 190 1.91 5.57 -2.59
C GLY A 190 2.79 5.01 -3.69
N ARG A 191 4.04 4.66 -3.37
CA ARG A 191 4.98 4.21 -4.38
C ARG A 191 5.14 2.70 -4.46
N THR A 192 5.98 2.25 -5.41
CA THR A 192 6.13 0.82 -5.62
C THR A 192 7.18 0.22 -4.68
N TRP A 193 7.89 1.08 -3.93
CA TRP A 193 8.96 0.62 -3.05
C TRP A 193 9.00 1.49 -1.79
N CYS A 194 9.56 0.88 -0.74
CA CYS A 194 9.72 1.52 0.56
C CYS A 194 11.21 1.59 0.85
N GLY A 195 11.65 2.77 1.27
CA GLY A 195 13.00 2.94 1.78
C GLY A 195 13.46 4.39 1.66
N PHE A 196 14.77 4.58 1.48
CA PHE A 196 15.34 5.91 1.31
C PHE A 196 16.55 5.83 0.39
N GLU A 197 16.98 7.02 -0.03
CA GLU A 197 18.16 7.15 -0.86
C GLU A 197 19.10 8.13 -0.20
N VAL A 198 20.39 7.85 -0.39
CA VAL A 198 21.44 8.73 0.10
C VAL A 198 22.33 9.05 -1.09
N ASP A 199 22.81 10.31 -1.19
CA ASP A 199 23.74 10.60 -2.28
C ASP A 199 25.11 10.04 -1.99
N HIS A 200 25.93 9.93 -3.05
CA HIS A 200 27.23 9.33 -2.89
C HIS A 200 28.14 10.17 -2.00
N ARG A 201 27.92 11.49 -1.93
CA ARG A 201 28.78 12.31 -1.12
C ARG A 201 28.59 11.94 0.35
N LEU A 202 27.34 11.81 0.80
CA LEU A 202 27.06 11.39 2.17
C LEU A 202 27.44 9.94 2.36
N ALA A 203 27.18 9.06 1.40
CA ALA A 203 27.49 7.65 1.54
C ALA A 203 28.97 7.42 1.84
N GLY A 204 29.85 8.24 1.22
CA GLY A 204 31.27 8.02 1.36
C GLY A 204 31.86 8.75 2.55
N ARG A 205 31.03 9.44 3.35
CA ARG A 205 31.52 10.15 4.52
C ARG A 205 32.05 9.17 5.57
N PRO A 206 33.28 9.40 6.07
CA PRO A 206 33.81 8.61 7.17
C PRO A 206 32.95 8.71 8.43
N ILE A 207 32.82 7.59 9.15
CA ILE A 207 32.09 7.58 10.41
C ILE A 207 32.96 8.24 11.52
N GLY B 3 -10.78 -5.04 8.71
CA GLY B 3 -10.65 -4.87 7.24
C GLY B 3 -11.89 -5.36 6.48
N SER B 4 -12.18 -4.69 5.37
CA SER B 4 -13.31 -5.00 4.52
C SER B 4 -13.09 -6.23 3.63
N LEU B 5 -14.22 -6.87 3.31
CA LEU B 5 -14.31 -7.87 2.27
C LEU B 5 -14.68 -7.22 0.94
N ILE B 6 -14.47 -7.98 -0.11
CA ILE B 6 -14.94 -7.73 -1.45
C ILE B 6 -15.44 -9.04 -2.08
N ARG B 7 -16.49 -8.93 -2.93
CA ARG B 7 -17.05 -10.07 -3.62
C ARG B 7 -15.93 -10.75 -4.39
N ALA B 8 -15.87 -12.08 -4.29
CA ALA B 8 -14.73 -12.83 -4.83
C ALA B 8 -14.81 -12.95 -6.36
N THR B 9 -15.92 -12.53 -6.96
CA THR B 9 -16.00 -12.35 -8.42
C THR B 9 -14.91 -11.40 -8.93
N ASN B 10 -14.39 -10.54 -8.04
CA ASN B 10 -13.35 -9.61 -8.44
C ASN B 10 -12.03 -10.35 -8.69
N LEU B 11 -11.98 -11.66 -8.38
CA LEU B 11 -10.84 -12.50 -8.68
C LEU B 11 -10.97 -13.22 -10.03
N TRP B 12 -12.09 -13.06 -10.72
CA TRP B 12 -12.26 -13.73 -12.00
C TRP B 12 -11.08 -13.44 -12.92
N GLY B 13 -10.52 -14.51 -13.50
CA GLY B 13 -9.44 -14.38 -14.47
C GLY B 13 -8.04 -14.39 -13.87
N TYR B 14 -7.89 -14.31 -12.53
CA TYR B 14 -6.59 -14.13 -11.96
C TYR B 14 -5.71 -15.34 -12.37
N THR B 15 -6.27 -16.56 -12.28
CA THR B 15 -5.51 -17.77 -12.55
C THR B 15 -5.16 -17.81 -14.03
N ASP B 16 -6.11 -17.44 -14.88
CA ASP B 16 -5.90 -17.37 -16.31
C ASP B 16 -4.82 -16.36 -16.70
N LEU B 17 -4.80 -15.16 -16.08
CA LEU B 17 -3.80 -14.19 -16.47
C LEU B 17 -2.43 -14.67 -15.98
N MET B 18 -2.41 -15.25 -14.78
CA MET B 18 -1.15 -15.70 -14.21
C MET B 18 -0.59 -16.80 -15.13
N ARG B 19 -1.45 -17.66 -15.67
CA ARG B 19 -1.00 -18.71 -16.60
C ARG B 19 -0.52 -18.07 -17.90
N GLU B 20 -1.22 -17.06 -18.43
CA GLU B 20 -0.76 -16.32 -19.60
C GLU B 20 0.67 -15.80 -19.39
N LEU B 21 0.99 -15.37 -18.16
CA LEU B 21 2.32 -14.83 -17.84
C LEU B 21 3.34 -15.93 -17.50
N GLY B 22 2.92 -17.20 -17.50
CA GLY B 22 3.80 -18.32 -17.19
C GLY B 22 4.07 -18.42 -15.69
N ALA B 23 3.12 -17.95 -14.86
CA ALA B 23 3.35 -17.96 -13.42
C ALA B 23 2.31 -18.84 -12.72
N ASP B 24 2.73 -19.45 -11.62
CA ASP B 24 1.86 -20.28 -10.83
C ASP B 24 1.12 -19.35 -9.87
N PRO B 25 -0.22 -19.28 -9.92
CA PRO B 25 -0.97 -18.38 -9.03
C PRO B 25 -1.06 -18.87 -7.58
N LEU B 26 -0.84 -20.18 -7.37
CA LEU B 26 -1.18 -20.73 -6.08
C LEU B 26 -0.29 -20.13 -4.97
N PRO B 27 1.04 -19.96 -5.12
CA PRO B 27 1.84 -19.32 -4.07
C PRO B 27 1.40 -17.89 -3.74
N PHE B 28 0.81 -17.20 -4.72
CA PHE B 28 0.30 -15.86 -4.47
C PHE B 28 -0.98 -15.88 -3.61
N LEU B 29 -1.92 -16.74 -4.00
CA LEU B 29 -3.17 -16.94 -3.27
C LEU B 29 -2.91 -17.36 -1.83
N ARG B 30 -1.95 -18.25 -1.64
CA ARG B 30 -1.62 -18.73 -0.32
C ARG B 30 -0.99 -17.61 0.51
N ARG B 31 -0.06 -16.84 -0.09
CA ARG B 31 0.60 -15.77 0.64
C ARG B 31 -0.42 -14.74 1.13
N PHE B 32 -1.43 -14.42 0.34
CA PHE B 32 -2.35 -13.35 0.71
C PHE B 32 -3.67 -13.90 1.27
N ASP B 33 -3.69 -15.20 1.65
CA ASP B 33 -4.80 -15.79 2.42
C ASP B 33 -6.08 -15.69 1.60
N ILE B 34 -5.96 -15.95 0.29
CA ILE B 34 -7.11 -16.00 -0.58
C ILE B 34 -7.35 -17.47 -0.91
N PRO B 35 -8.48 -18.09 -0.48
CA PRO B 35 -8.68 -19.53 -0.73
C PRO B 35 -8.73 -19.90 -2.22
N PRO B 36 -7.95 -20.89 -2.71
CA PRO B 36 -7.89 -21.17 -4.15
C PRO B 36 -9.18 -21.45 -4.91
N GLY B 37 -10.22 -21.98 -4.32
CA GLY B 37 -11.39 -22.12 -5.19
C GLY B 37 -12.34 -20.91 -5.26
N ILE B 38 -12.02 -19.79 -4.61
CA ILE B 38 -13.08 -18.87 -4.20
C ILE B 38 -13.68 -18.14 -5.39
N GLU B 39 -12.93 -18.08 -6.49
CA GLU B 39 -13.36 -17.32 -7.66
C GLU B 39 -14.58 -17.98 -8.31
N HIS B 40 -14.85 -19.25 -8.02
CA HIS B 40 -15.96 -19.99 -8.62
C HIS B 40 -17.07 -20.25 -7.60
N GLN B 41 -17.00 -19.69 -6.39
CA GLN B 41 -18.00 -20.01 -5.38
C GLN B 41 -18.97 -18.86 -5.27
N GLU B 42 -20.23 -19.13 -5.58
CA GLU B 42 -21.18 -18.02 -5.69
C GLU B 42 -21.39 -17.46 -4.28
N ASP B 43 -21.44 -16.13 -4.22
CA ASP B 43 -21.68 -15.37 -3.01
C ASP B 43 -20.51 -15.43 -2.03
N ALA B 44 -19.34 -15.89 -2.49
CA ALA B 44 -18.13 -15.86 -1.66
C ALA B 44 -17.54 -14.44 -1.66
N PHE B 45 -16.90 -14.10 -0.55
CA PHE B 45 -16.17 -12.83 -0.36
C PHE B 45 -14.74 -13.12 0.06
N MET B 46 -13.82 -12.21 -0.31
CA MET B 46 -12.42 -12.32 0.02
C MET B 46 -11.97 -11.02 0.67
N SER B 47 -10.80 -11.08 1.31
CA SER B 47 -10.18 -9.91 1.92
C SER B 47 -9.86 -8.87 0.83
N LEU B 48 -10.33 -7.65 0.98
CA LEU B 48 -9.98 -6.60 0.03
C LEU B 48 -8.49 -6.27 0.12
N ALA B 49 -7.98 -6.10 1.36
CA ALA B 49 -6.56 -5.82 1.56
C ALA B 49 -5.73 -6.94 0.94
N GLY B 50 -6.12 -8.20 1.14
CA GLY B 50 -5.35 -9.32 0.62
C GLY B 50 -5.30 -9.24 -0.90
N PHE B 51 -6.46 -8.96 -1.49
CA PHE B 51 -6.61 -8.95 -2.92
C PHE B 51 -5.73 -7.83 -3.50
N VAL B 52 -5.83 -6.62 -2.97
CA VAL B 52 -5.07 -5.54 -3.60
C VAL B 52 -3.57 -5.69 -3.35
N ARG B 53 -3.16 -6.27 -2.22
CA ARG B 53 -1.76 -6.54 -1.95
C ARG B 53 -1.26 -7.62 -2.92
N MET B 54 -2.11 -8.63 -3.22
CA MET B 54 -1.75 -9.68 -4.16
C MET B 54 -1.58 -9.12 -5.58
N LEU B 55 -2.43 -8.14 -5.94
CA LEU B 55 -2.28 -7.54 -7.26
C LEU B 55 -0.93 -6.84 -7.35
N GLU B 56 -0.56 -6.10 -6.29
CA GLU B 56 0.71 -5.37 -6.32
C GLU B 56 1.88 -6.34 -6.41
N ALA B 57 1.82 -7.44 -5.67
CA ALA B 57 2.92 -8.39 -5.68
C ALA B 57 3.01 -9.09 -7.04
N SER B 58 1.87 -9.38 -7.68
CA SER B 58 1.82 -10.06 -8.97
C SER B 58 2.45 -9.15 -10.03
N ALA B 59 2.06 -7.87 -9.99
CA ALA B 59 2.60 -6.90 -10.95
C ALA B 59 4.11 -6.76 -10.78
N ALA B 60 4.55 -6.64 -9.53
CA ALA B 60 5.94 -6.37 -9.21
C ALA B 60 6.83 -7.59 -9.51
N GLU B 61 6.44 -8.76 -9.01
CA GLU B 61 7.28 -9.93 -9.10
C GLU B 61 7.34 -10.42 -10.55
N LEU B 62 6.29 -10.19 -11.33
CA LEU B 62 6.25 -10.72 -12.69
C LEU B 62 6.65 -9.64 -13.71
N ASP B 63 7.02 -8.43 -13.26
CA ASP B 63 7.37 -7.30 -14.13
C ASP B 63 6.22 -7.05 -15.11
N CYS B 64 5.00 -6.98 -14.57
CA CYS B 64 3.84 -6.81 -15.41
C CYS B 64 3.08 -5.57 -14.91
N PRO B 65 3.50 -4.35 -15.33
CA PRO B 65 2.93 -3.11 -14.79
C PRO B 65 1.46 -2.92 -15.13
N ASP B 66 0.97 -3.60 -16.16
CA ASP B 66 -0.41 -3.46 -16.62
C ASP B 66 -1.26 -4.68 -16.22
N PHE B 67 -0.88 -5.30 -15.10
CA PHE B 67 -1.58 -6.50 -14.64
C PHE B 67 -3.07 -6.20 -14.44
N GLY B 68 -3.38 -5.16 -13.65
CA GLY B 68 -4.77 -4.84 -13.35
C GLY B 68 -5.60 -4.48 -14.57
N LEU B 69 -5.02 -3.65 -15.46
CA LEU B 69 -5.70 -3.34 -16.71
C LEU B 69 -6.05 -4.59 -17.48
N ARG B 70 -5.11 -5.52 -17.59
CA ARG B 70 -5.32 -6.73 -18.39
C ARG B 70 -6.32 -7.66 -17.71
N LEU B 71 -6.31 -7.73 -16.37
CA LEU B 71 -7.22 -8.65 -15.67
C LEU B 71 -8.70 -8.30 -15.96
N ALA B 72 -9.00 -7.03 -16.23
CA ALA B 72 -10.38 -6.62 -16.49
C ALA B 72 -11.03 -7.34 -17.69
N ARG B 73 -10.22 -7.89 -18.60
CA ARG B 73 -10.74 -8.63 -19.73
C ARG B 73 -11.59 -9.85 -19.34
N TRP B 74 -11.38 -10.41 -18.14
CA TRP B 74 -12.13 -11.53 -17.64
C TRP B 74 -13.26 -11.11 -16.70
N GLN B 75 -13.51 -9.79 -16.55
CA GLN B 75 -14.40 -9.31 -15.50
C GLN B 75 -15.57 -8.55 -16.11
N GLY B 76 -15.58 -7.22 -16.02
CA GLY B 76 -16.70 -6.44 -16.52
C GLY B 76 -17.87 -6.42 -15.52
N LEU B 77 -19.05 -6.07 -16.04
CA LEU B 77 -20.19 -5.74 -15.21
C LEU B 77 -20.60 -6.93 -14.33
N GLY B 78 -20.50 -8.16 -14.86
CA GLY B 78 -20.94 -9.37 -14.19
C GLY B 78 -20.35 -9.58 -12.80
N ILE B 79 -19.18 -9.00 -12.52
CA ILE B 79 -18.58 -9.18 -11.23
C ILE B 79 -19.41 -8.52 -10.14
N LEU B 80 -20.31 -7.59 -10.50
CA LEU B 80 -21.06 -6.86 -9.49
C LEU B 80 -22.23 -7.67 -8.97
N GLY B 81 -22.49 -8.83 -9.62
CA GLY B 81 -23.49 -9.80 -9.11
C GLY B 81 -24.84 -9.11 -8.85
N PRO B 82 -25.40 -9.04 -7.63
CA PRO B 82 -26.71 -8.39 -7.44
C PRO B 82 -26.74 -6.94 -7.86
N VAL B 83 -25.62 -6.22 -7.68
CA VAL B 83 -25.60 -4.81 -8.05
C VAL B 83 -25.70 -4.66 -9.58
N ALA B 84 -25.18 -5.62 -10.34
CA ALA B 84 -25.28 -5.61 -11.79
C ALA B 84 -26.73 -5.78 -12.22
N VAL B 85 -27.50 -6.60 -11.50
CA VAL B 85 -28.92 -6.76 -11.81
C VAL B 85 -29.65 -5.43 -11.64
N ILE B 86 -29.32 -4.68 -10.57
CA ILE B 86 -29.94 -3.39 -10.35
C ILE B 86 -29.52 -2.43 -11.46
N ALA B 87 -28.22 -2.42 -11.83
CA ALA B 87 -27.74 -1.43 -12.78
C ALA B 87 -28.41 -1.66 -14.16
N ARG B 88 -28.53 -2.93 -14.57
CA ARG B 88 -29.06 -3.29 -15.87
C ARG B 88 -30.52 -2.87 -16.01
N ASN B 89 -31.24 -2.69 -14.90
CA ASN B 89 -32.64 -2.33 -14.97
C ASN B 89 -32.88 -0.83 -14.77
N ALA B 90 -31.82 -0.01 -14.77
CA ALA B 90 -32.00 1.42 -14.67
C ALA B 90 -32.50 1.98 -16.01
N ALA B 91 -33.02 3.23 -16.03
CA ALA B 91 -33.59 3.83 -17.25
C ALA B 91 -32.50 4.36 -18.16
N THR B 92 -31.39 4.90 -17.61
CA THR B 92 -30.37 5.56 -18.41
C THR B 92 -28.98 5.16 -17.94
N LEU B 93 -27.96 5.45 -18.72
CA LEU B 93 -26.59 5.12 -18.36
C LEU B 93 -26.24 5.78 -17.03
N PHE B 94 -26.59 7.05 -16.86
CA PHE B 94 -26.44 7.70 -15.57
C PHE B 94 -27.08 6.89 -14.44
N GLY B 95 -28.35 6.47 -14.61
CA GLY B 95 -29.08 5.73 -13.60
C GLY B 95 -28.40 4.40 -13.23
N GLY B 96 -27.82 3.74 -14.25
CA GLY B 96 -27.13 2.49 -14.04
C GLY B 96 -25.88 2.69 -13.19
N LEU B 97 -25.05 3.68 -13.60
CA LEU B 97 -23.82 3.96 -12.91
C LEU B 97 -24.10 4.51 -11.52
N GLU B 98 -25.14 5.36 -11.37
CA GLU B 98 -25.41 5.92 -10.06
C GLU B 98 -25.94 4.87 -9.11
N ALA B 99 -26.68 3.87 -9.62
CA ALA B 99 -27.09 2.76 -8.78
C ALA B 99 -25.87 1.96 -8.33
N ILE B 100 -24.94 1.69 -9.23
CA ILE B 100 -23.70 1.07 -8.81
C ILE B 100 -23.08 1.88 -7.69
N GLY B 101 -22.98 3.19 -7.86
CA GLY B 101 -22.42 4.03 -6.82
C GLY B 101 -23.18 3.94 -5.50
N ARG B 102 -24.51 3.94 -5.57
CA ARG B 102 -25.29 3.96 -4.34
C ARG B 102 -25.09 2.64 -3.57
N TYR B 103 -25.00 1.55 -4.31
CA TYR B 103 -24.93 0.23 -3.67
C TYR B 103 -23.52 -0.36 -3.71
N LEU B 104 -22.47 0.44 -3.90
CA LEU B 104 -21.18 -0.19 -4.14
C LEU B 104 -20.70 -0.90 -2.86
N TYR B 105 -21.19 -0.44 -1.69
CA TYR B 105 -20.84 -1.06 -0.43
C TYR B 105 -21.23 -2.54 -0.39
N VAL B 106 -22.20 -2.94 -1.20
CA VAL B 106 -22.58 -4.34 -1.31
C VAL B 106 -21.48 -5.17 -1.98
N HIS B 107 -20.73 -4.55 -2.87
CA HIS B 107 -19.56 -5.17 -3.52
C HIS B 107 -18.40 -5.20 -2.54
N SER B 108 -18.08 -4.04 -1.94
CA SER B 108 -17.09 -3.93 -0.87
C SER B 108 -17.34 -2.64 -0.09
N PRO B 109 -17.39 -2.68 1.25
CA PRO B 109 -17.55 -1.43 2.00
C PRO B 109 -16.37 -0.51 1.90
N ALA B 110 -15.24 -0.99 1.34
CA ALA B 110 -14.08 -0.12 1.25
C ALA B 110 -14.04 0.72 -0.02
N LEU B 111 -15.06 0.63 -0.90
CA LEU B 111 -15.04 1.34 -2.16
C LEU B 111 -16.08 2.45 -2.12
N THR B 112 -15.72 3.66 -2.58
CA THR B 112 -16.66 4.77 -2.59
C THR B 112 -16.68 5.35 -4.01
N LEU B 113 -17.87 5.53 -4.54
CA LEU B 113 -18.10 6.26 -5.77
C LEU B 113 -18.89 7.52 -5.46
N THR B 114 -18.37 8.65 -5.96
CA THR B 114 -19.01 9.96 -5.83
C THR B 114 -19.40 10.40 -7.25
N VAL B 115 -20.67 10.66 -7.45
CA VAL B 115 -21.22 11.01 -8.75
C VAL B 115 -21.66 12.46 -8.64
N SER B 116 -21.07 13.35 -9.45
CA SER B 116 -21.34 14.76 -9.28
C SER B 116 -21.35 15.47 -10.62
N SER B 117 -22.13 16.55 -10.61
CA SER B 117 -22.04 17.53 -11.68
C SER B 117 -22.22 18.91 -11.08
N THR B 118 -21.73 19.92 -11.80
CA THR B 118 -21.75 21.26 -11.26
C THR B 118 -21.97 22.23 -12.44
N THR B 119 -22.65 23.33 -12.12
CA THR B 119 -22.79 24.44 -13.05
C THR B 119 -21.45 24.90 -13.62
N ALA B 120 -20.38 24.84 -12.80
CA ALA B 120 -19.10 25.46 -13.10
C ALA B 120 -18.22 24.63 -14.04
N ARG B 121 -18.60 23.39 -14.38
CA ARG B 121 -17.74 22.47 -15.11
C ARG B 121 -18.54 21.67 -16.14
N SER B 122 -17.88 21.16 -17.19
CA SER B 122 -18.48 20.18 -18.11
C SER B 122 -18.59 18.81 -17.45
N ASN B 123 -19.61 18.05 -17.90
CA ASN B 123 -19.72 16.61 -17.75
C ASN B 123 -20.20 16.18 -16.36
N VAL B 124 -20.55 14.89 -16.24
CA VAL B 124 -20.80 14.20 -14.99
C VAL B 124 -19.55 13.45 -14.57
N ARG B 125 -19.12 13.65 -13.32
CA ARG B 125 -17.91 13.06 -12.85
C ARG B 125 -18.24 11.86 -11.95
N PHE B 126 -17.55 10.76 -12.23
CA PHE B 126 -17.61 9.54 -11.41
C PHE B 126 -16.28 9.39 -10.68
N GLY B 127 -16.25 9.87 -9.44
CA GLY B 127 -15.06 9.91 -8.59
C GLY B 127 -14.95 8.65 -7.73
N TYR B 128 -13.83 7.91 -7.86
CA TYR B 128 -13.72 6.59 -7.20
C TYR B 128 -12.59 6.56 -6.20
N GLU B 129 -12.80 5.94 -5.05
CA GLU B 129 -11.79 5.90 -4.02
C GLU B 129 -11.81 4.51 -3.38
N VAL B 130 -10.64 3.92 -3.18
CA VAL B 130 -10.51 2.77 -2.30
C VAL B 130 -10.18 3.35 -0.92
N THR B 131 -11.12 3.28 0.02
CA THR B 131 -10.94 3.92 1.33
C THR B 131 -10.36 2.99 2.40
N GLU B 132 -10.00 1.76 2.04
CA GLU B 132 -9.50 0.78 3.00
C GLU B 132 -8.25 1.38 3.67
N PRO B 133 -8.24 1.59 5.01
CA PRO B 133 -7.02 1.99 5.73
C PRO B 133 -5.98 0.87 5.77
N GLY B 134 -4.71 1.24 5.89
CA GLY B 134 -3.65 0.32 6.28
C GLY B 134 -3.28 -0.64 5.16
N ILE B 135 -3.30 -0.17 3.91
CA ILE B 135 -2.83 -0.96 2.78
C ILE B 135 -1.80 -0.19 2.00
N PRO B 136 -1.00 -0.84 1.16
CA PRO B 136 -0.21 -0.12 0.17
C PRO B 136 -1.20 0.55 -0.78
N TYR B 137 -0.84 1.71 -1.31
CA TYR B 137 -1.67 2.34 -2.34
C TYR B 137 -1.96 1.31 -3.45
N PRO B 138 -3.24 1.05 -3.73
CA PRO B 138 -3.57 -0.04 -4.62
C PRO B 138 -3.60 0.34 -6.08
N LEU B 139 -2.39 0.54 -6.61
CA LEU B 139 -2.33 1.05 -7.98
C LEU B 139 -3.00 0.08 -8.94
N GLN B 140 -2.62 -1.20 -8.86
CA GLN B 140 -3.17 -2.17 -9.78
C GLN B 140 -4.68 -2.25 -9.59
N GLY B 141 -5.11 -2.20 -8.33
CA GLY B 141 -6.56 -2.26 -8.03
C GLY B 141 -7.32 -1.07 -8.64
N TYR B 142 -6.74 0.12 -8.60
CA TYR B 142 -7.35 1.27 -9.25
C TYR B 142 -7.44 1.11 -10.77
N GLU B 143 -6.39 0.56 -11.39
CA GLU B 143 -6.41 0.37 -12.82
C GLU B 143 -7.38 -0.73 -13.22
N LEU B 144 -7.43 -1.85 -12.46
CA LEU B 144 -8.47 -2.85 -12.70
C LEU B 144 -9.86 -2.23 -12.56
N SER B 145 -10.07 -1.39 -11.54
CA SER B 145 -11.37 -0.79 -11.34
C SER B 145 -11.79 0.05 -12.53
N MET B 146 -10.85 0.86 -13.03
CA MET B 146 -11.17 1.75 -14.14
C MET B 146 -11.29 1.02 -15.47
N ALA B 147 -10.47 -0.03 -15.70
CA ALA B 147 -10.67 -0.85 -16.90
C ALA B 147 -12.00 -1.58 -16.87
N ASN B 148 -12.44 -2.04 -15.69
CA ASN B 148 -13.77 -2.58 -15.50
C ASN B 148 -14.81 -1.51 -15.80
N ALA B 149 -14.62 -0.30 -15.28
CA ALA B 149 -15.63 0.74 -15.46
C ALA B 149 -15.80 1.00 -16.96
N ALA B 150 -14.68 1.04 -17.69
CA ALA B 150 -14.75 1.26 -19.15
C ALA B 150 -15.62 0.18 -19.80
N ARG B 151 -15.43 -1.07 -19.38
CA ARG B 151 -16.23 -2.16 -19.92
C ARG B 151 -17.70 -1.99 -19.53
N MET B 152 -17.96 -1.51 -18.32
CA MET B 152 -19.33 -1.31 -17.89
C MET B 152 -20.04 -0.20 -18.66
N ILE B 153 -19.32 0.88 -18.97
CA ILE B 153 -19.84 1.96 -19.79
C ILE B 153 -20.26 1.44 -21.16
N ARG B 154 -19.44 0.58 -21.76
CA ARG B 154 -19.74 0.01 -23.06
C ARG B 154 -20.95 -0.92 -22.99
N LEU B 155 -21.08 -1.69 -21.90
CA LEU B 155 -22.20 -2.59 -21.81
C LEU B 155 -23.51 -1.83 -21.59
N LEU B 156 -23.55 -0.91 -20.65
CA LEU B 156 -24.77 -0.21 -20.32
C LEU B 156 -25.06 0.90 -21.32
N GLY B 157 -24.01 1.43 -21.97
CA GLY B 157 -24.17 2.60 -22.82
C GLY B 157 -24.11 2.30 -24.33
N GLY B 158 -23.88 1.05 -24.72
CA GLY B 158 -23.74 0.73 -26.13
C GLY B 158 -22.29 0.66 -26.54
N PRO B 159 -21.95 -0.15 -27.56
CA PRO B 159 -20.54 -0.45 -27.83
C PRO B 159 -19.68 0.75 -28.25
N GLN B 160 -20.29 1.87 -28.68
CA GLN B 160 -19.54 3.09 -28.96
C GLN B 160 -19.37 4.00 -27.73
N ALA B 161 -19.98 3.69 -26.58
CA ALA B 161 -19.91 4.58 -25.42
C ALA B 161 -18.50 4.64 -24.84
N ARG B 162 -18.03 5.85 -24.59
CA ARG B 162 -16.70 6.16 -24.12
C ARG B 162 -16.83 7.24 -23.04
N ALA B 163 -16.03 7.12 -21.98
CA ALA B 163 -15.78 8.25 -21.09
C ALA B 163 -15.09 9.36 -21.89
N ARG B 164 -15.19 10.59 -21.40
CA ARG B 164 -14.45 11.72 -21.93
C ARG B 164 -13.01 11.71 -21.42
N VAL B 165 -12.82 11.18 -20.21
CA VAL B 165 -11.51 11.18 -19.57
C VAL B 165 -11.51 10.17 -18.44
N PHE B 166 -10.38 9.48 -18.25
CA PHE B 166 -10.02 8.76 -17.03
C PHE B 166 -8.88 9.48 -16.32
N SER B 167 -8.96 9.46 -15.00
CA SER B 167 -8.07 10.16 -14.12
C SER B 167 -7.55 9.21 -13.03
N PHE B 168 -6.25 9.24 -12.79
CA PHE B 168 -5.62 8.50 -11.71
C PHE B 168 -4.79 9.42 -10.84
N ARG B 169 -4.64 9.03 -9.56
CA ARG B 169 -3.87 9.79 -8.58
C ARG B 169 -2.37 9.54 -8.77
N HIS B 170 -2.01 8.35 -9.27
CA HIS B 170 -0.63 7.92 -9.39
C HIS B 170 -0.05 8.33 -10.76
N ALA B 171 1.28 8.32 -10.79
CA ALA B 171 2.06 8.46 -12.03
C ALA B 171 1.84 7.26 -12.93
N GLN B 172 1.90 7.48 -14.25
CA GLN B 172 1.74 6.41 -15.22
C GLN B 172 2.79 5.33 -15.00
N LEU B 173 2.32 4.07 -15.03
CA LEU B 173 3.19 2.94 -14.80
C LEU B 173 3.36 2.17 -16.11
N GLY B 174 2.29 1.69 -16.70
CA GLY B 174 2.33 0.90 -17.92
C GLY B 174 2.59 1.80 -19.13
N THR B 175 2.59 1.15 -20.31
CA THR B 175 2.80 1.85 -21.57
C THR B 175 1.54 2.62 -21.97
N ASP B 176 1.76 3.67 -22.79
CA ASP B 176 0.67 4.44 -23.38
C ASP B 176 -0.33 3.49 -24.04
N ALA B 177 0.19 2.49 -24.76
CA ALA B 177 -0.63 1.52 -25.49
C ALA B 177 -1.55 0.72 -24.55
N ALA B 178 -1.01 0.30 -23.41
CA ALA B 178 -1.78 -0.45 -22.42
C ALA B 178 -2.98 0.35 -21.91
N TYR B 179 -2.76 1.63 -21.54
CA TYR B 179 -3.87 2.46 -21.07
C TYR B 179 -4.88 2.72 -22.19
N ARG B 180 -4.39 2.92 -23.42
CA ARG B 180 -5.26 3.29 -24.53
C ARG B 180 -6.17 2.11 -24.86
N GLU B 181 -5.60 0.92 -24.88
CA GLU B 181 -6.39 -0.26 -25.17
C GLU B 181 -7.48 -0.49 -24.11
N ALA B 182 -7.18 -0.25 -22.84
CA ALA B 182 -8.14 -0.60 -21.79
C ALA B 182 -9.14 0.53 -21.55
N LEU B 183 -8.72 1.79 -21.73
CA LEU B 183 -9.52 2.95 -21.30
C LEU B 183 -9.99 3.79 -22.52
N GLY B 184 -9.22 3.79 -23.61
CA GLY B 184 -9.74 4.16 -24.93
C GLY B 184 -10.11 5.64 -25.08
N CYS B 185 -9.23 6.51 -24.55
CA CYS B 185 -9.47 7.94 -24.47
C CYS B 185 -8.33 8.58 -23.69
N THR B 186 -8.40 9.90 -23.58
CA THR B 186 -7.62 10.68 -22.67
C THR B 186 -7.52 10.04 -21.28
N VAL B 187 -6.29 9.84 -20.85
CA VAL B 187 -5.99 9.33 -19.52
C VAL B 187 -5.04 10.31 -18.86
N ARG B 188 -5.40 10.79 -17.68
CA ARG B 188 -4.60 11.77 -16.96
C ARG B 188 -4.06 11.16 -15.66
N PHE B 189 -2.84 11.53 -15.29
CA PHE B 189 -2.09 10.92 -14.21
C PHE B 189 -1.63 11.99 -13.23
N GLY B 190 -1.33 11.56 -12.04
CA GLY B 190 -0.87 12.47 -11.01
C GLY B 190 -1.94 13.50 -10.65
N ARG B 191 -3.22 13.13 -10.68
CA ARG B 191 -4.27 14.08 -10.44
C ARG B 191 -4.78 14.05 -9.00
N THR B 192 -5.67 14.98 -8.65
CA THR B 192 -6.17 15.06 -7.30
C THR B 192 -7.33 14.09 -7.07
N TRP B 193 -7.79 13.42 -8.14
CA TRP B 193 -8.95 12.54 -8.08
C TRP B 193 -8.75 11.40 -9.07
N CYS B 194 -9.45 10.29 -8.79
CA CYS B 194 -9.45 9.10 -9.60
C CYS B 194 -10.88 8.88 -10.08
N GLY B 195 -11.05 8.51 -11.35
CA GLY B 195 -12.33 8.16 -11.89
C GLY B 195 -12.43 8.51 -13.39
N PHE B 196 -13.65 8.85 -13.81
CA PHE B 196 -13.93 9.22 -15.19
C PHE B 196 -15.06 10.23 -15.26
N GLU B 197 -15.19 10.86 -16.44
CA GLU B 197 -16.32 11.74 -16.74
C GLU B 197 -17.03 11.26 -17.97
N VAL B 198 -18.33 11.52 -17.98
CA VAL B 198 -19.13 11.27 -19.16
C VAL B 198 -19.89 12.56 -19.45
N ASP B 199 -20.14 12.86 -20.72
CA ASP B 199 -20.92 14.04 -21.02
C ASP B 199 -22.40 13.74 -20.81
N HIS B 200 -23.18 14.81 -20.71
CA HIS B 200 -24.59 14.66 -20.41
C HIS B 200 -25.34 13.91 -21.52
N ARG B 201 -24.90 14.04 -22.76
CA ARG B 201 -25.57 13.33 -23.83
C ARG B 201 -25.44 11.81 -23.64
N LEU B 202 -24.22 11.31 -23.36
CA LEU B 202 -24.10 9.89 -23.04
C LEU B 202 -24.80 9.49 -21.75
N ALA B 203 -24.70 10.32 -20.70
CA ALA B 203 -25.31 10.01 -19.43
C ALA B 203 -26.81 9.75 -19.56
N GLY B 204 -27.47 10.54 -20.43
CA GLY B 204 -28.92 10.48 -20.53
C GLY B 204 -29.41 9.38 -21.49
N ARG B 205 -28.49 8.65 -22.11
CA ARG B 205 -28.86 7.61 -23.06
C ARG B 205 -29.62 6.48 -22.37
N PRO B 206 -30.83 6.14 -22.86
CA PRO B 206 -31.54 4.95 -22.39
C PRO B 206 -30.74 3.65 -22.51
N ILE B 207 -30.88 2.77 -21.50
CA ILE B 207 -30.16 1.49 -21.51
C ILE B 207 -30.81 0.51 -22.52
#